data_1J09
#
_entry.id   1J09
#
_cell.length_a   81.920
_cell.length_b   82.620
_cell.length_c   83.110
_cell.angle_alpha   90.00
_cell.angle_beta   90.00
_cell.angle_gamma   90.00
#
_symmetry.space_group_name_H-M   'P 21 21 21'
#
loop_
_entity.id
_entity.type
_entity.pdbx_description
1 polymer 'Glutamyl-tRNA synthetase'
2 non-polymer 'MAGNESIUM ION'
3 non-polymer 'GLUTAMIC ACID'
4 non-polymer "ADENOSINE-5'-TRIPHOSPHATE"
5 water water
#
_entity_poly.entity_id   1
_entity_poly.type   'polypeptide(L)'
_entity_poly.pdbx_seq_one_letter_code
;MVVTRIAPSPTGDPHVGTAYIALFNYAWARRNGGRFIVRIEDTDRARYVPGAEERILAALKWLGLSYDEGPDVGGPHGPY
RQSERLPLYQKYAEELLKRGWAYRAFETPEELEQIRKEKGGYDGRARNIPPEEAEERARRGEPHVIRLKVPRPGTTEVKD
ELRGVVVYDNQEIPDVVLLKSDGYPTYHLANVVDDHLMGVTDVIRAEEWLVSTPIHVLLYRAFGWEAPRFYHMPLLRNPD
KTKISKRKSHTSLDWYKAEGFLPEALRNYLCLMGFSMPDGREIFTLEEFIQAFTWERVSLGGPVFDLEKLRWMNGKYIRE
VLSLEEVAERVKPFLREAGLSWESEAYLRRAVELMRPRFDTLKEFPEKARYLFTEDYPVSEKAQRKLEEGLPLLKELYPR
LRAQEEWTEAALEALLRGFAAEKGVKLGQVAQPLRAALTGSLETPGLFEILALLGKERALRRLERALA
;
_entity_poly.pdbx_strand_id   A
#
loop_
_chem_comp.id
_chem_comp.type
_chem_comp.name
_chem_comp.formula
ATP non-polymer ADENOSINE-5'-TRIPHOSPHATE 'C10 H16 N5 O13 P3'
MG non-polymer 'MAGNESIUM ION' 'Mg 2'
#
# COMPACT_ATOMS: atom_id res chain seq x y z
N MET A 1 29.06 -7.33 -1.97
CA MET A 1 27.95 -6.44 -2.43
C MET A 1 26.60 -6.94 -1.94
N VAL A 2 25.83 -6.05 -1.32
CA VAL A 2 24.52 -6.40 -0.81
C VAL A 2 23.52 -6.52 -1.96
N VAL A 3 22.72 -7.57 -1.94
CA VAL A 3 21.68 -7.78 -2.93
C VAL A 3 20.41 -8.17 -2.18
N THR A 4 19.39 -7.32 -2.29
CA THR A 4 18.12 -7.57 -1.64
C THR A 4 17.05 -7.80 -2.69
N ARG A 5 15.88 -8.22 -2.26
CA ARG A 5 14.78 -8.46 -3.19
C ARG A 5 13.41 -8.37 -2.53
N ILE A 6 12.38 -8.36 -3.38
CA ILE A 6 11.01 -8.48 -2.89
C ILE A 6 10.56 -9.63 -3.77
N ALA A 7 9.72 -10.49 -3.22
CA ALA A 7 9.23 -11.65 -3.97
C ALA A 7 7.73 -11.72 -3.83
N PRO A 8 7.02 -10.70 -4.33
CA PRO A 8 5.57 -10.68 -4.23
C PRO A 8 4.90 -11.80 -5.01
N SER A 9 3.81 -12.30 -4.43
CA SER A 9 3.00 -13.32 -5.05
C SER A 9 1.73 -12.54 -5.39
N PRO A 10 1.61 -12.09 -6.63
CA PRO A 10 0.42 -11.33 -7.00
C PRO A 10 -0.86 -12.15 -6.87
N THR A 11 -1.92 -11.51 -6.37
CA THR A 11 -3.20 -12.18 -6.21
C THR A 11 -4.29 -11.33 -6.84
N GLY A 12 -4.30 -10.05 -6.51
CA GLY A 12 -5.30 -9.15 -7.05
C GLY A 12 -4.80 -7.73 -7.05
N ASP A 13 -4.85 -7.08 -5.89
CA ASP A 13 -4.38 -5.71 -5.78
C ASP A 13 -2.97 -5.66 -5.22
N PRO A 14 -2.24 -4.57 -5.52
CA PRO A 14 -0.87 -4.43 -5.01
C PRO A 14 -1.06 -4.16 -3.52
N HIS A 15 -0.46 -5.00 -2.68
CA HIS A 15 -0.61 -4.90 -1.22
C HIS A 15 0.32 -3.87 -0.57
N VAL A 16 -0.22 -3.09 0.37
CA VAL A 16 0.59 -2.08 1.07
C VAL A 16 1.74 -2.79 1.79
N GLY A 17 1.51 -4.04 2.16
CA GLY A 17 2.54 -4.82 2.83
C GLY A 17 3.73 -5.02 1.91
N THR A 18 3.48 -5.13 0.61
CA THR A 18 4.54 -5.31 -0.37
C THR A 18 5.37 -4.03 -0.46
N ALA A 19 4.69 -2.88 -0.38
CA ALA A 19 5.38 -1.59 -0.46
C ALA A 19 6.25 -1.37 0.78
N TYR A 20 5.70 -1.71 1.94
CA TYR A 20 6.40 -1.58 3.22
C TYR A 20 7.69 -2.38 3.20
N ILE A 21 7.59 -3.66 2.85
CA ILE A 21 8.77 -4.53 2.79
C ILE A 21 9.72 -4.08 1.69
N ALA A 22 9.18 -3.67 0.54
CA ALA A 22 10.02 -3.21 -0.56
C ALA A 22 10.83 -2.00 -0.14
N LEU A 23 10.21 -1.09 0.60
CA LEU A 23 10.87 0.12 1.07
C LEU A 23 12.13 -0.17 1.86
N PHE A 24 12.06 -1.12 2.78
CA PHE A 24 13.25 -1.43 3.57
C PHE A 24 14.29 -2.21 2.79
N ASN A 25 13.86 -3.01 1.82
CA ASN A 25 14.80 -3.75 0.99
C ASN A 25 15.54 -2.77 0.09
N TYR A 26 14.80 -1.77 -0.40
CA TYR A 26 15.37 -0.75 -1.27
C TYR A 26 16.37 0.09 -0.49
N ALA A 27 15.98 0.48 0.73
CA ALA A 27 16.86 1.29 1.56
C ALA A 27 18.15 0.59 1.96
N TRP A 28 18.04 -0.68 2.37
CA TRP A 28 19.22 -1.44 2.77
C TRP A 28 20.16 -1.62 1.58
N ALA A 29 19.59 -1.84 0.40
CA ALA A 29 20.40 -2.01 -0.79
C ALA A 29 21.12 -0.69 -1.13
N ARG A 30 20.35 0.39 -1.23
CA ARG A 30 20.95 1.68 -1.57
C ARG A 30 21.96 2.18 -0.55
N ARG A 31 21.68 1.98 0.73
CA ARG A 31 22.59 2.41 1.77
C ARG A 31 23.96 1.75 1.62
N ASN A 32 23.96 0.52 1.14
CA ASN A 32 25.18 -0.25 0.96
C ASN A 32 25.74 -0.21 -0.47
N GLY A 33 25.16 0.61 -1.33
CA GLY A 33 25.64 0.70 -2.69
C GLY A 33 25.42 -0.62 -3.42
N GLY A 34 24.40 -1.35 -2.99
CA GLY A 34 24.11 -2.64 -3.59
C GLY A 34 22.98 -2.65 -4.61
N ARG A 35 22.35 -3.82 -4.75
CA ARG A 35 21.28 -4.01 -5.72
C ARG A 35 19.97 -4.46 -5.07
N PHE A 36 18.87 -4.08 -5.70
CA PHE A 36 17.52 -4.42 -5.24
C PHE A 36 16.80 -5.00 -6.44
N ILE A 37 16.37 -6.26 -6.32
CA ILE A 37 15.70 -6.90 -7.43
C ILE A 37 14.27 -7.35 -7.12
N VAL A 38 13.50 -7.56 -8.18
CA VAL A 38 12.12 -7.98 -8.04
C VAL A 38 11.90 -9.35 -8.69
N ARG A 39 11.37 -10.29 -7.91
CA ARG A 39 11.07 -11.62 -8.43
C ARG A 39 9.57 -11.84 -8.23
N ILE A 40 8.88 -12.25 -9.28
CA ILE A 40 7.45 -12.48 -9.17
C ILE A 40 7.21 -13.95 -8.89
N GLU A 41 6.61 -14.25 -7.74
CA GLU A 41 6.34 -15.63 -7.37
C GLU A 41 4.88 -15.87 -7.73
N ASP A 42 4.68 -16.18 -9.01
CA ASP A 42 3.37 -16.37 -9.62
C ASP A 42 2.98 -17.80 -9.96
N THR A 43 3.44 -18.79 -9.20
CA THR A 43 3.12 -20.17 -9.52
C THR A 43 1.75 -20.65 -9.03
N ASP A 44 1.06 -19.82 -8.25
CA ASP A 44 -0.28 -20.19 -7.77
C ASP A 44 -1.24 -19.97 -8.93
N ARG A 45 -1.50 -21.02 -9.70
CA ARG A 45 -2.38 -20.93 -10.88
C ARG A 45 -3.87 -20.80 -10.57
N ALA A 46 -4.21 -20.63 -9.30
CA ALA A 46 -5.60 -20.46 -8.91
C ALA A 46 -5.83 -18.99 -8.57
N ARG A 47 -4.79 -18.31 -8.12
CA ARG A 47 -4.91 -16.92 -7.73
C ARG A 47 -4.37 -15.94 -8.78
N TYR A 48 -4.03 -16.47 -9.95
CA TYR A 48 -3.51 -15.61 -11.01
C TYR A 48 -4.58 -14.70 -11.59
N VAL A 49 -4.28 -13.40 -11.62
CA VAL A 49 -5.17 -12.39 -12.15
C VAL A 49 -4.41 -11.56 -13.16
N PRO A 50 -4.74 -11.69 -14.45
CA PRO A 50 -4.03 -10.89 -15.46
C PRO A 50 -3.95 -9.43 -15.06
N GLY A 51 -2.75 -8.87 -15.15
CA GLY A 51 -2.56 -7.47 -14.81
C GLY A 51 -2.15 -7.21 -13.37
N ALA A 52 -2.28 -8.22 -12.50
CA ALA A 52 -1.93 -8.04 -11.10
C ALA A 52 -0.43 -7.77 -10.97
N GLU A 53 0.39 -8.52 -11.69
CA GLU A 53 1.84 -8.31 -11.64
C GLU A 53 2.15 -6.88 -12.06
N GLU A 54 1.58 -6.45 -13.18
CA GLU A 54 1.81 -5.11 -13.70
C GLU A 54 1.40 -4.02 -12.70
N ARG A 55 0.33 -4.27 -11.96
CA ARG A 55 -0.14 -3.28 -10.99
C ARG A 55 0.85 -3.15 -9.83
N ILE A 56 1.48 -4.25 -9.45
CA ILE A 56 2.45 -4.22 -8.36
C ILE A 56 3.67 -3.41 -8.79
N LEU A 57 4.18 -3.71 -9.99
CA LEU A 57 5.37 -3.02 -10.49
C LEU A 57 5.09 -1.52 -10.64
N ALA A 58 3.90 -1.18 -11.13
CA ALA A 58 3.52 0.21 -11.29
C ALA A 58 3.43 0.92 -9.94
N ALA A 59 2.89 0.24 -8.94
CA ALA A 59 2.74 0.84 -7.61
C ALA A 59 4.12 1.12 -6.97
N LEU A 60 5.07 0.21 -7.17
CA LEU A 60 6.41 0.41 -6.62
C LEU A 60 7.01 1.68 -7.22
N LYS A 61 6.87 1.84 -8.54
CA LYS A 61 7.39 3.01 -9.24
C LYS A 61 6.64 4.27 -8.81
N TRP A 62 5.33 4.12 -8.62
CA TRP A 62 4.49 5.24 -8.19
C TRP A 62 4.99 5.77 -6.84
N LEU A 63 5.42 4.86 -5.97
CA LEU A 63 5.91 5.22 -4.65
C LEU A 63 7.31 5.82 -4.66
N GLY A 64 7.93 5.88 -5.83
CA GLY A 64 9.25 6.45 -5.92
C GLY A 64 10.36 5.45 -5.75
N LEU A 65 10.01 4.17 -5.70
CA LEU A 65 11.02 3.16 -5.58
C LEU A 65 11.42 2.79 -7.00
N SER A 66 12.56 2.15 -7.12
CA SER A 66 13.05 1.71 -8.43
C SER A 66 13.78 0.41 -8.13
N TYR A 67 13.86 -0.49 -9.11
CA TYR A 67 14.56 -1.74 -8.88
C TYR A 67 15.55 -1.96 -10.02
N ASP A 68 16.50 -2.86 -9.80
CA ASP A 68 17.58 -3.08 -10.76
C ASP A 68 17.47 -4.30 -11.68
N GLU A 69 16.62 -5.25 -11.29
CA GLU A 69 16.40 -6.46 -12.07
C GLU A 69 14.95 -6.83 -11.83
N GLY A 70 14.29 -7.36 -12.85
CA GLY A 70 12.89 -7.72 -12.69
C GLY A 70 12.26 -8.18 -13.99
N PRO A 71 10.98 -8.54 -13.98
CA PRO A 71 10.23 -9.02 -15.14
C PRO A 71 10.21 -8.07 -16.33
N ASP A 72 10.02 -6.78 -16.06
CA ASP A 72 9.98 -5.83 -17.18
C ASP A 72 11.32 -5.22 -17.55
N VAL A 73 12.20 -5.00 -16.57
CA VAL A 73 13.50 -4.42 -16.87
C VAL A 73 14.54 -5.47 -17.26
N GLY A 74 14.28 -6.73 -16.92
CA GLY A 74 15.21 -7.79 -17.25
C GLY A 74 16.32 -7.90 -16.22
N GLY A 75 17.41 -8.59 -16.56
CA GLY A 75 18.49 -8.73 -15.61
C GLY A 75 19.39 -9.89 -15.99
N PRO A 76 20.55 -10.02 -15.33
CA PRO A 76 21.52 -11.09 -15.62
C PRO A 76 21.17 -12.48 -15.07
N HIS A 77 20.18 -12.57 -14.19
CA HIS A 77 19.82 -13.85 -13.61
C HIS A 77 18.33 -14.23 -13.74
N GLY A 78 17.73 -13.87 -14.88
CA GLY A 78 16.33 -14.20 -15.10
C GLY A 78 16.12 -15.64 -15.51
N PRO A 79 14.89 -16.04 -15.83
CA PRO A 79 13.66 -15.25 -15.83
C PRO A 79 13.34 -14.74 -14.43
N TYR A 80 12.58 -13.65 -14.34
CA TYR A 80 12.24 -13.11 -13.04
C TYR A 80 10.82 -13.43 -12.57
N ARG A 81 10.18 -14.38 -13.26
CA ARG A 81 8.85 -14.85 -12.89
C ARG A 81 9.04 -16.34 -12.62
N GLN A 82 8.57 -16.82 -11.47
CA GLN A 82 8.74 -18.22 -11.14
C GLN A 82 7.98 -19.13 -12.11
N SER A 83 6.93 -18.60 -12.72
CA SER A 83 6.14 -19.36 -13.68
C SER A 83 6.97 -19.69 -14.91
N GLU A 84 8.11 -19.01 -15.07
CA GLU A 84 8.99 -19.22 -16.22
C GLU A 84 10.19 -20.09 -15.88
N ARG A 85 10.26 -20.60 -14.66
CA ARG A 85 11.39 -21.44 -14.28
C ARG A 85 10.99 -22.75 -13.63
N LEU A 86 9.77 -23.20 -13.93
CA LEU A 86 9.25 -24.44 -13.36
C LEU A 86 10.19 -25.64 -13.53
N PRO A 87 10.89 -25.74 -14.67
CA PRO A 87 11.81 -26.87 -14.83
C PRO A 87 12.96 -26.86 -13.82
N LEU A 88 13.38 -25.67 -13.41
CA LEU A 88 14.47 -25.55 -12.44
C LEU A 88 14.11 -26.23 -11.13
N TYR A 89 12.94 -25.90 -10.59
CA TYR A 89 12.52 -26.47 -9.32
C TYR A 89 12.47 -27.99 -9.37
N GLN A 90 12.03 -28.53 -10.51
CA GLN A 90 11.95 -29.99 -10.63
C GLN A 90 13.34 -30.61 -10.64
N LYS A 91 14.28 -29.99 -11.34
CA LYS A 91 15.63 -30.51 -11.39
C LYS A 91 16.29 -30.42 -10.02
N TYR A 92 16.01 -29.35 -9.28
CA TYR A 92 16.59 -29.20 -7.95
C TYR A 92 15.93 -30.16 -6.97
N ALA A 93 14.66 -30.46 -7.18
CA ALA A 93 13.96 -31.41 -6.33
C ALA A 93 14.61 -32.79 -6.57
N GLU A 94 14.95 -33.07 -7.83
CA GLU A 94 15.58 -34.35 -8.17
C GLU A 94 16.95 -34.43 -7.54
N GLU A 95 17.67 -33.31 -7.50
CA GLU A 95 18.99 -33.26 -6.89
C GLU A 95 18.88 -33.63 -5.40
N LEU A 96 17.82 -33.15 -4.73
CA LEU A 96 17.63 -33.46 -3.31
C LEU A 96 17.33 -34.94 -3.12
N LEU A 97 16.59 -35.52 -4.06
CA LEU A 97 16.29 -36.96 -3.98
C LEU A 97 17.61 -37.72 -4.08
N LYS A 98 18.46 -37.29 -5.01
CA LYS A 98 19.75 -37.95 -5.20
C LYS A 98 20.64 -37.85 -3.95
N ARG A 99 20.52 -36.74 -3.23
CA ARG A 99 21.32 -36.53 -2.04
C ARG A 99 20.73 -37.17 -0.79
N GLY A 100 19.51 -37.68 -0.89
CA GLY A 100 18.88 -38.29 0.27
C GLY A 100 18.22 -37.26 1.18
N TRP A 101 18.10 -36.03 0.69
CA TRP A 101 17.48 -34.94 1.45
C TRP A 101 16.01 -34.75 1.11
N ALA A 102 15.47 -35.60 0.26
CA ALA A 102 14.05 -35.52 -0.10
C ALA A 102 13.55 -36.90 -0.48
N TYR A 103 12.24 -37.09 -0.52
CA TYR A 103 11.67 -38.38 -0.86
C TYR A 103 10.29 -38.22 -1.47
N ARG A 104 9.88 -39.21 -2.27
CA ARG A 104 8.57 -39.18 -2.90
C ARG A 104 7.57 -39.81 -1.92
N ALA A 105 6.41 -39.16 -1.76
CA ALA A 105 5.36 -39.64 -0.86
C ALA A 105 4.08 -39.79 -1.68
N PHE A 106 3.45 -40.96 -1.58
CA PHE A 106 2.27 -41.25 -2.38
C PHE A 106 0.90 -41.24 -1.72
N GLU A 107 0.82 -40.83 -0.45
CA GLU A 107 -0.46 -40.81 0.25
C GLU A 107 -1.54 -39.98 -0.41
N THR A 108 -2.78 -40.46 -0.34
CA THR A 108 -3.93 -39.73 -0.89
C THR A 108 -4.34 -38.72 0.18
N PRO A 109 -5.16 -37.73 -0.17
CA PRO A 109 -5.59 -36.75 0.82
C PRO A 109 -6.31 -37.40 2.00
N GLU A 110 -7.07 -38.45 1.72
CA GLU A 110 -7.80 -39.15 2.79
C GLU A 110 -6.82 -39.76 3.78
N GLU A 111 -5.74 -40.35 3.25
CA GLU A 111 -4.71 -40.95 4.08
C GLU A 111 -4.00 -39.90 4.93
N LEU A 112 -3.67 -38.77 4.32
CA LEU A 112 -2.99 -37.70 5.03
C LEU A 112 -3.83 -37.17 6.19
N GLU A 113 -5.14 -37.09 5.98
CA GLU A 113 -6.01 -36.61 7.05
C GLU A 113 -5.99 -37.60 8.23
N GLN A 114 -6.00 -38.89 7.92
CA GLN A 114 -5.96 -39.91 8.95
C GLN A 114 -4.64 -39.85 9.71
N ILE A 115 -3.54 -39.73 8.97
CA ILE A 115 -2.23 -39.65 9.59
C ILE A 115 -2.11 -38.42 10.47
N ARG A 116 -2.61 -37.29 9.98
CA ARG A 116 -2.58 -36.04 10.73
C ARG A 116 -3.35 -36.18 12.05
N LYS A 117 -4.49 -36.85 12.02
CA LYS A 117 -5.29 -37.04 13.22
C LYS A 117 -4.60 -37.99 14.20
N GLU A 118 -3.82 -38.93 13.67
CA GLU A 118 -3.13 -39.89 14.51
C GLU A 118 -1.81 -39.39 15.07
N LYS A 119 -1.03 -38.71 14.23
CA LYS A 119 0.29 -38.21 14.63
C LYS A 119 0.38 -36.71 14.89
N GLY A 120 -0.59 -35.95 14.40
CA GLY A 120 -0.56 -34.51 14.59
C GLY A 120 0.03 -33.80 13.39
N GLY A 121 0.38 -34.59 12.37
CA GLY A 121 0.96 -34.05 11.16
C GLY A 121 1.49 -35.25 10.40
N TYR A 122 2.04 -35.06 9.19
CA TYR A 122 2.57 -36.19 8.44
C TYR A 122 3.81 -36.72 9.18
N ASP A 123 3.89 -38.03 9.36
CA ASP A 123 5.00 -38.62 10.09
C ASP A 123 6.19 -39.13 9.30
N GLY A 124 6.22 -38.84 7.99
CA GLY A 124 7.32 -39.27 7.15
C GLY A 124 7.42 -40.75 6.85
N ARG A 125 6.32 -41.47 7.01
CA ARG A 125 6.35 -42.92 6.77
C ARG A 125 6.83 -43.31 5.37
N ALA A 126 6.65 -42.44 4.39
CA ALA A 126 7.11 -42.73 3.03
C ALA A 126 8.63 -42.83 2.93
N ARG A 127 9.33 -42.34 3.96
CA ARG A 127 10.78 -42.41 3.99
C ARG A 127 11.21 -43.86 4.07
N ASN A 128 10.28 -44.73 4.46
CA ASN A 128 10.58 -46.14 4.57
C ASN A 128 10.29 -46.96 3.31
N ILE A 129 9.89 -46.28 2.24
CA ILE A 129 9.66 -46.99 0.98
C ILE A 129 11.05 -47.11 0.35
N PRO A 130 11.42 -48.31 -0.14
CA PRO A 130 12.75 -48.42 -0.76
C PRO A 130 12.87 -47.39 -1.88
N PRO A 131 13.94 -46.57 -1.87
CA PRO A 131 14.12 -45.55 -2.91
C PRO A 131 13.85 -46.04 -4.34
N GLU A 132 14.38 -47.21 -4.70
CA GLU A 132 14.18 -47.73 -6.05
C GLU A 132 12.71 -48.03 -6.33
N GLU A 133 11.97 -48.44 -5.30
CA GLU A 133 10.55 -48.72 -5.47
C GLU A 133 9.79 -47.41 -5.67
N ALA A 134 10.19 -46.37 -4.94
CA ALA A 134 9.55 -45.07 -5.07
C ALA A 134 9.77 -44.54 -6.48
N GLU A 135 10.97 -44.73 -7.02
CA GLU A 135 11.26 -44.25 -8.37
C GLU A 135 10.43 -45.01 -9.40
N GLU A 136 10.27 -46.32 -9.20
CA GLU A 136 9.49 -47.11 -10.15
C GLU A 136 8.01 -46.70 -10.11
N ARG A 137 7.48 -46.50 -8.90
CA ARG A 137 6.10 -46.08 -8.76
C ARG A 137 5.91 -44.72 -9.44
N ALA A 138 6.91 -43.86 -9.34
CA ALA A 138 6.85 -42.54 -9.97
C ALA A 138 6.86 -42.70 -11.48
N ARG A 139 7.75 -43.56 -11.97
CA ARG A 139 7.88 -43.83 -13.40
C ARG A 139 6.57 -44.39 -13.97
N ARG A 140 5.84 -45.12 -13.15
CA ARG A 140 4.57 -45.71 -13.58
C ARG A 140 3.42 -44.73 -13.56
N GLY A 141 3.69 -43.50 -13.15
CA GLY A 141 2.65 -42.47 -13.12
C GLY A 141 1.83 -42.34 -11.86
N GLU A 142 2.25 -42.97 -10.77
CA GLU A 142 1.51 -42.88 -9.52
C GLU A 142 1.63 -41.45 -8.97
N PRO A 143 0.49 -40.82 -8.65
CA PRO A 143 0.51 -39.44 -8.13
C PRO A 143 1.28 -39.36 -6.80
N HIS A 144 2.09 -38.32 -6.66
CA HIS A 144 2.86 -38.15 -5.43
C HIS A 144 3.43 -36.74 -5.32
N VAL A 145 4.03 -36.47 -4.16
CA VAL A 145 4.67 -35.19 -3.92
C VAL A 145 6.08 -35.52 -3.46
N ILE A 146 6.95 -34.52 -3.43
CA ILE A 146 8.32 -34.71 -2.96
C ILE A 146 8.42 -33.87 -1.70
N ARG A 147 8.85 -34.51 -0.62
CA ARG A 147 8.95 -33.85 0.68
C ARG A 147 10.40 -33.74 1.12
N LEU A 148 10.65 -32.75 1.98
CA LEU A 148 11.99 -32.54 2.54
C LEU A 148 12.22 -33.61 3.60
N LYS A 149 13.40 -34.21 3.59
CA LYS A 149 13.72 -35.25 4.56
C LYS A 149 14.45 -34.60 5.73
N VAL A 150 13.68 -34.09 6.69
CA VAL A 150 14.24 -33.45 7.88
C VAL A 150 15.01 -34.48 8.71
N PRO A 151 16.19 -34.11 9.21
CA PRO A 151 16.95 -35.08 10.02
C PRO A 151 16.17 -35.38 11.30
N ARG A 152 15.91 -36.67 11.58
CA ARG A 152 15.19 -37.07 12.78
C ARG A 152 15.99 -38.11 13.56
N PRO A 153 16.34 -37.80 14.83
CA PRO A 153 16.02 -36.56 15.51
C PRO A 153 17.12 -35.54 15.21
N GLY A 154 16.95 -34.31 15.67
CA GLY A 154 17.97 -33.31 15.42
C GLY A 154 17.49 -31.94 15.81
N THR A 155 18.33 -30.94 15.54
CA THR A 155 17.99 -29.56 15.85
C THR A 155 18.49 -28.69 14.72
N THR A 156 17.87 -27.53 14.54
CA THR A 156 18.24 -26.60 13.49
C THR A 156 18.30 -25.20 14.07
N GLU A 157 19.44 -24.53 13.92
CA GLU A 157 19.60 -23.19 14.45
C GLU A 157 19.44 -22.17 13.33
N VAL A 158 18.71 -21.11 13.62
CA VAL A 158 18.43 -20.05 12.65
C VAL A 158 18.72 -18.69 13.27
N LYS A 159 19.43 -17.85 12.52
CA LYS A 159 19.76 -16.53 13.03
C LYS A 159 19.01 -15.43 12.30
N ASP A 160 18.31 -14.60 13.06
CA ASP A 160 17.62 -13.46 12.48
C ASP A 160 18.50 -12.30 12.95
N GLU A 161 18.92 -11.45 12.02
CA GLU A 161 19.79 -10.33 12.33
C GLU A 161 19.24 -9.34 13.37
N LEU A 162 17.93 -9.26 13.51
CA LEU A 162 17.33 -8.32 14.44
C LEU A 162 16.87 -8.94 15.75
N ARG A 163 16.51 -10.23 15.71
CA ARG A 163 16.03 -10.94 16.89
C ARG A 163 17.03 -11.88 17.54
N GLY A 164 18.03 -12.31 16.79
CA GLY A 164 19.02 -13.22 17.34
C GLY A 164 18.82 -14.65 16.91
N VAL A 165 19.56 -15.56 17.53
CA VAL A 165 19.50 -16.97 17.20
C VAL A 165 18.38 -17.74 17.87
N VAL A 166 17.74 -18.62 17.11
CA VAL A 166 16.67 -19.47 17.61
C VAL A 166 17.04 -20.92 17.33
N VAL A 167 17.01 -21.74 18.37
CA VAL A 167 17.34 -23.16 18.22
C VAL A 167 16.01 -23.92 18.16
N TYR A 168 15.76 -24.55 17.02
CA TYR A 168 14.53 -25.32 16.82
C TYR A 168 14.79 -26.80 17.00
N ASP A 169 13.85 -27.50 17.64
CA ASP A 169 13.96 -28.95 17.76
C ASP A 169 13.40 -29.36 16.39
N ASN A 170 14.06 -30.26 15.69
CA ASN A 170 13.56 -30.67 14.38
C ASN A 170 12.16 -31.24 14.46
N GLN A 171 11.75 -31.64 15.65
CA GLN A 171 10.41 -32.19 15.79
C GLN A 171 9.35 -31.11 15.58
N GLU A 172 9.78 -29.84 15.57
CA GLU A 172 8.86 -28.73 15.33
C GLU A 172 8.78 -28.47 13.82
N ILE A 173 9.71 -29.05 13.07
CA ILE A 173 9.79 -28.84 11.61
C ILE A 173 9.23 -30.04 10.83
N PRO A 174 8.17 -29.82 10.04
CA PRO A 174 7.63 -30.95 9.28
C PRO A 174 8.39 -31.27 7.99
N ASP A 175 8.17 -32.48 7.47
CA ASP A 175 8.78 -32.90 6.21
C ASP A 175 7.93 -32.19 5.17
N VAL A 176 8.13 -30.88 5.02
CA VAL A 176 7.33 -30.11 4.08
C VAL A 176 7.38 -30.54 2.63
N VAL A 177 6.24 -30.38 1.96
CA VAL A 177 6.15 -30.68 0.55
C VAL A 177 7.01 -29.64 -0.16
N LEU A 178 7.83 -30.08 -1.09
CA LEU A 178 8.71 -29.20 -1.85
C LEU A 178 8.21 -29.12 -3.29
N LEU A 179 7.77 -30.26 -3.82
CA LEU A 179 7.25 -30.31 -5.19
C LEU A 179 5.87 -30.98 -5.14
N LYS A 180 4.85 -30.27 -5.62
CA LYS A 180 3.50 -30.77 -5.61
C LYS A 180 3.23 -31.84 -6.67
N SER A 181 2.09 -32.51 -6.57
CA SER A 181 1.75 -33.59 -7.50
C SER A 181 1.54 -33.13 -8.93
N ASP A 182 1.37 -31.83 -9.13
CA ASP A 182 1.18 -31.30 -10.48
C ASP A 182 2.51 -30.83 -11.07
N GLY A 183 3.58 -31.04 -10.32
CA GLY A 183 4.90 -30.64 -10.80
C GLY A 183 5.32 -29.24 -10.44
N TYR A 184 4.43 -28.50 -9.78
CA TYR A 184 4.70 -27.14 -9.35
C TYR A 184 5.39 -27.16 -7.99
N PRO A 185 6.25 -26.16 -7.72
CA PRO A 185 6.97 -26.08 -6.46
C PRO A 185 6.15 -25.43 -5.35
N THR A 186 6.55 -25.65 -4.11
CA THR A 186 5.89 -25.00 -3.00
C THR A 186 6.81 -23.81 -2.76
N TYR A 187 6.32 -22.86 -1.95
CA TYR A 187 7.07 -21.67 -1.62
C TYR A 187 8.49 -21.94 -1.10
N HIS A 188 8.62 -22.90 -0.20
CA HIS A 188 9.92 -23.22 0.38
C HIS A 188 10.99 -23.58 -0.65
N LEU A 189 10.65 -24.46 -1.58
CA LEU A 189 11.62 -24.87 -2.60
C LEU A 189 11.98 -23.73 -3.55
N ALA A 190 10.98 -23.10 -4.14
CA ALA A 190 11.20 -22.03 -5.10
C ALA A 190 11.90 -20.82 -4.52
N ASN A 191 11.52 -20.42 -3.30
CA ASN A 191 12.11 -19.25 -2.67
C ASN A 191 13.62 -19.42 -2.42
N VAL A 192 14.02 -20.59 -1.92
CA VAL A 192 15.43 -20.86 -1.66
C VAL A 192 16.23 -21.02 -2.97
N VAL A 193 15.68 -21.79 -3.91
CA VAL A 193 16.36 -21.99 -5.18
C VAL A 193 16.63 -20.65 -5.87
N ASP A 194 15.61 -19.80 -5.94
CA ASP A 194 15.75 -18.51 -6.61
C ASP A 194 16.56 -17.46 -5.88
N ASP A 195 16.47 -17.39 -4.55
CA ASP A 195 17.28 -16.42 -3.84
C ASP A 195 18.74 -16.78 -4.07
N HIS A 196 19.02 -18.08 -4.10
CA HIS A 196 20.38 -18.53 -4.31
C HIS A 196 20.88 -18.20 -5.71
N LEU A 197 20.11 -18.58 -6.72
CA LEU A 197 20.51 -18.34 -8.11
C LEU A 197 20.55 -16.86 -8.49
N MET A 198 19.77 -16.04 -7.80
CA MET A 198 19.76 -14.61 -8.08
C MET A 198 20.78 -13.85 -7.24
N GLY A 199 21.53 -14.58 -6.42
CA GLY A 199 22.56 -13.97 -5.59
C GLY A 199 22.09 -13.09 -4.45
N VAL A 200 20.91 -13.38 -3.91
CA VAL A 200 20.38 -12.59 -2.79
C VAL A 200 21.25 -12.84 -1.56
N THR A 201 21.74 -11.76 -0.95
CA THR A 201 22.60 -11.89 0.23
C THR A 201 21.90 -11.49 1.51
N ASP A 202 20.84 -10.69 1.37
CA ASP A 202 20.09 -10.19 2.51
C ASP A 202 18.59 -10.32 2.26
N VAL A 203 17.95 -11.21 3.02
CA VAL A 203 16.52 -11.47 2.91
C VAL A 203 15.77 -10.67 3.98
N ILE A 204 15.01 -9.68 3.53
CA ILE A 204 14.22 -8.84 4.42
C ILE A 204 12.74 -9.08 4.08
N ARG A 205 12.00 -9.61 5.04
CA ARG A 205 10.58 -9.91 4.82
C ARG A 205 9.77 -9.80 6.10
N ALA A 206 8.45 -9.85 5.97
CA ALA A 206 7.55 -9.74 7.13
C ALA A 206 7.75 -10.89 8.12
N GLU A 207 7.58 -10.59 9.40
CA GLU A 207 7.79 -11.56 10.46
C GLU A 207 6.95 -12.84 10.36
N GLU A 208 5.85 -12.80 9.60
CA GLU A 208 5.02 -13.99 9.46
C GLU A 208 5.78 -15.11 8.75
N TRP A 209 6.90 -14.77 8.12
CA TRP A 209 7.71 -15.76 7.42
C TRP A 209 8.82 -16.31 8.32
N LEU A 210 9.01 -15.69 9.49
CA LEU A 210 10.07 -16.10 10.40
C LEU A 210 10.14 -17.60 10.70
N VAL A 211 9.01 -18.20 11.04
CA VAL A 211 8.98 -19.63 11.37
C VAL A 211 9.26 -20.55 10.17
N SER A 212 9.24 -20.01 8.96
CA SER A 212 9.52 -20.82 7.77
C SER A 212 11.03 -20.91 7.56
N THR A 213 11.76 -20.00 8.19
CA THR A 213 13.21 -19.95 8.02
C THR A 213 13.99 -21.23 8.35
N PRO A 214 13.61 -21.96 9.40
CA PRO A 214 14.38 -23.18 9.65
C PRO A 214 14.31 -24.15 8.47
N ILE A 215 13.17 -24.18 7.80
CA ILE A 215 13.01 -25.04 6.63
C ILE A 215 13.97 -24.57 5.55
N HIS A 216 14.08 -23.25 5.39
CA HIS A 216 14.97 -22.68 4.39
C HIS A 216 16.42 -22.97 4.71
N VAL A 217 16.78 -22.89 5.99
CA VAL A 217 18.15 -23.18 6.41
C VAL A 217 18.49 -24.63 6.10
N LEU A 218 17.53 -25.54 6.28
CA LEU A 218 17.78 -26.95 5.99
C LEU A 218 17.97 -27.14 4.49
N LEU A 219 17.21 -26.41 3.68
CA LEU A 219 17.34 -26.52 2.23
C LEU A 219 18.71 -26.00 1.77
N TYR A 220 19.14 -24.86 2.29
CA TYR A 220 20.45 -24.34 1.91
C TYR A 220 21.52 -25.36 2.28
N ARG A 221 21.39 -25.95 3.47
CA ARG A 221 22.34 -26.96 3.93
C ARG A 221 22.31 -28.14 2.96
N ALA A 222 21.11 -28.59 2.61
CA ALA A 222 20.93 -29.73 1.71
C ALA A 222 21.63 -29.54 0.36
N PHE A 223 21.49 -28.36 -0.22
CA PHE A 223 22.10 -28.06 -1.50
C PHE A 223 23.57 -27.74 -1.36
N GLY A 224 24.03 -27.56 -0.12
CA GLY A 224 25.42 -27.23 0.09
C GLY A 224 25.67 -25.78 -0.27
N TRP A 225 24.67 -24.93 -0.05
CA TRP A 225 24.76 -23.50 -0.36
C TRP A 225 24.86 -22.65 0.90
N GLU A 226 25.45 -21.47 0.76
CA GLU A 226 25.57 -20.54 1.88
C GLU A 226 24.25 -19.81 2.03
N ALA A 227 23.73 -19.75 3.25
CA ALA A 227 22.46 -19.07 3.49
C ALA A 227 22.70 -17.58 3.62
N PRO A 228 21.73 -16.77 3.19
CA PRO A 228 21.88 -15.32 3.29
C PRO A 228 21.52 -14.85 4.70
N ARG A 229 21.65 -13.55 4.92
CA ARG A 229 21.30 -12.92 6.20
C ARG A 229 19.78 -12.79 6.17
N PHE A 230 19.13 -13.01 7.31
CA PHE A 230 17.67 -12.89 7.40
C PHE A 230 17.29 -11.76 8.35
N TYR A 231 16.34 -10.92 7.92
CA TYR A 231 15.82 -9.81 8.72
C TYR A 231 14.31 -9.86 8.65
N HIS A 232 13.64 -10.08 9.77
CA HIS A 232 12.19 -10.12 9.74
C HIS A 232 11.57 -8.88 10.35
N MET A 233 10.90 -8.11 9.48
CA MET A 233 10.24 -6.87 9.86
C MET A 233 8.93 -7.15 10.58
N PRO A 234 8.56 -6.27 11.53
CA PRO A 234 7.31 -6.45 12.28
C PRO A 234 6.14 -6.32 11.31
N LEU A 235 5.07 -7.05 11.58
CA LEU A 235 3.89 -6.98 10.75
C LEU A 235 3.18 -5.67 11.04
N LEU A 236 2.53 -5.10 10.03
CA LEU A 236 1.78 -3.86 10.21
C LEU A 236 0.53 -4.29 10.97
N ARG A 237 0.15 -3.52 11.98
CA ARG A 237 -1.00 -3.87 12.80
C ARG A 237 -2.16 -2.89 12.80
N ASN A 238 -3.34 -3.39 13.14
CA ASN A 238 -4.54 -2.55 13.24
C ASN A 238 -4.47 -1.96 14.65
N PRO A 239 -5.27 -0.92 14.92
CA PRO A 239 -5.26 -0.30 16.25
C PRO A 239 -5.36 -1.34 17.37
N ASP A 240 -6.19 -2.35 17.15
CA ASP A 240 -6.39 -3.42 18.12
C ASP A 240 -5.23 -4.40 18.18
N LYS A 241 -4.10 -4.02 17.58
CA LYS A 241 -2.89 -4.82 17.55
C LYS A 241 -2.91 -6.09 16.70
N THR A 242 -4.04 -6.36 16.04
CA THR A 242 -4.12 -7.55 15.20
C THR A 242 -3.40 -7.23 13.88
N LYS A 243 -2.97 -8.25 13.16
CA LYS A 243 -2.28 -8.09 11.88
C LYS A 243 -3.17 -7.50 10.79
N ILE A 244 -2.65 -6.51 10.07
CA ILE A 244 -3.42 -5.91 8.99
C ILE A 244 -3.63 -6.98 7.92
N SER A 245 -4.84 -7.05 7.38
CA SER A 245 -5.19 -8.03 6.36
C SER A 245 -6.08 -7.45 5.27
N LYS A 246 -5.84 -7.87 4.03
CA LYS A 246 -6.61 -7.41 2.88
C LYS A 246 -8.08 -7.82 2.98
N ARG A 247 -8.37 -8.80 3.82
CA ARG A 247 -9.73 -9.28 4.00
C ARG A 247 -10.48 -8.46 5.05
N LYS A 248 -9.76 -7.62 5.78
CA LYS A 248 -10.36 -6.83 6.84
C LYS A 248 -10.27 -5.31 6.67
N SER A 249 -9.30 -4.83 5.90
CA SER A 249 -9.18 -3.38 5.70
C SER A 249 -8.61 -3.04 4.32
N HIS A 250 -8.44 -1.74 4.07
CA HIS A 250 -7.90 -1.29 2.79
C HIS A 250 -6.40 -1.44 2.76
N THR A 251 -5.92 -2.41 1.98
CA THR A 251 -4.50 -2.67 1.86
C THR A 251 -4.03 -2.42 0.43
N SER A 252 -4.97 -2.18 -0.49
CA SER A 252 -4.62 -1.94 -1.87
C SER A 252 -3.99 -0.58 -2.12
N LEU A 253 -2.78 -0.60 -2.66
CA LEU A 253 -2.06 0.62 -2.99
C LEU A 253 -2.81 1.40 -4.05
N ASP A 254 -3.57 0.69 -4.88
CA ASP A 254 -4.36 1.35 -5.92
C ASP A 254 -5.53 2.10 -5.27
N TRP A 255 -5.99 1.61 -4.12
CA TRP A 255 -7.08 2.26 -3.40
C TRP A 255 -6.52 3.57 -2.86
N TYR A 256 -5.33 3.51 -2.25
CA TYR A 256 -4.71 4.71 -1.71
C TYR A 256 -4.48 5.74 -2.79
N LYS A 257 -4.03 5.28 -3.96
CA LYS A 257 -3.79 6.19 -5.06
C LYS A 257 -5.09 6.83 -5.53
N ALA A 258 -6.13 6.01 -5.68
CA ALA A 258 -7.43 6.49 -6.14
C ALA A 258 -8.10 7.41 -5.12
N GLU A 259 -7.77 7.24 -3.85
CA GLU A 259 -8.35 8.07 -2.81
C GLU A 259 -7.64 9.40 -2.67
N GLY A 260 -6.61 9.62 -3.49
CA GLY A 260 -5.90 10.88 -3.44
C GLY A 260 -4.76 10.99 -2.45
N PHE A 261 -4.20 9.86 -2.02
CA PHE A 261 -3.07 9.91 -1.12
C PHE A 261 -1.84 10.14 -1.97
N LEU A 262 -0.95 11.04 -1.54
CA LEU A 262 0.25 11.33 -2.31
C LEU A 262 1.27 10.22 -2.10
N PRO A 263 1.95 9.78 -3.18
CA PRO A 263 2.94 8.72 -3.00
C PRO A 263 4.02 9.07 -1.98
N GLU A 264 4.49 10.31 -2.01
CA GLU A 264 5.53 10.74 -1.08
C GLU A 264 5.08 10.66 0.39
N ALA A 265 3.80 10.89 0.62
CA ALA A 265 3.26 10.84 1.98
C ALA A 265 3.09 9.40 2.45
N LEU A 266 2.52 8.56 1.59
CA LEU A 266 2.34 7.16 1.95
C LEU A 266 3.70 6.52 2.18
N ARG A 267 4.67 6.85 1.32
CA ARG A 267 6.01 6.30 1.45
C ARG A 267 6.63 6.73 2.78
N ASN A 268 6.49 8.01 3.09
CA ASN A 268 7.02 8.59 4.33
C ASN A 268 6.39 7.90 5.53
N TYR A 269 5.10 7.61 5.44
CA TYR A 269 4.40 6.95 6.55
C TYR A 269 4.87 5.51 6.72
N LEU A 270 5.08 4.81 5.61
CA LEU A 270 5.55 3.43 5.69
C LEU A 270 6.94 3.40 6.32
N CYS A 271 7.73 4.45 6.10
CA CYS A 271 9.07 4.51 6.68
C CYS A 271 8.94 4.49 8.21
N LEU A 272 7.96 5.24 8.71
CA LEU A 272 7.72 5.34 10.15
C LEU A 272 7.16 4.06 10.77
N MET A 273 6.74 3.11 9.94
CA MET A 273 6.19 1.88 10.49
C MET A 273 7.27 0.98 11.10
N GLY A 274 8.41 0.87 10.45
CA GLY A 274 9.46 0.03 11.01
C GLY A 274 10.75 0.77 11.26
N PHE A 275 10.67 2.07 11.52
CA PHE A 275 11.87 2.87 11.73
C PHE A 275 11.57 4.25 12.28
N SER A 276 12.52 4.84 12.99
CA SER A 276 12.33 6.19 13.53
C SER A 276 13.61 6.98 13.28
N MET A 277 13.46 8.27 13.00
CA MET A 277 14.62 9.11 12.75
C MET A 277 15.26 9.48 14.09
N PRO A 278 16.59 9.60 14.13
CA PRO A 278 17.30 9.94 15.37
C PRO A 278 16.77 11.20 16.05
N ASP A 279 16.48 12.23 15.26
CA ASP A 279 15.97 13.48 15.80
C ASP A 279 14.47 13.48 16.05
N GLY A 280 13.79 12.43 15.60
CA GLY A 280 12.36 12.34 15.82
C GLY A 280 11.47 12.89 14.71
N ARG A 281 12.06 13.50 13.70
CA ARG A 281 11.30 14.05 12.59
C ARG A 281 10.37 13.00 11.97
N GLU A 282 9.17 13.41 11.62
CA GLU A 282 8.22 12.48 11.00
C GLU A 282 8.11 12.72 9.51
N ILE A 283 8.44 13.94 9.08
CA ILE A 283 8.38 14.31 7.68
C ILE A 283 9.77 14.37 7.07
N PHE A 284 10.05 13.49 6.12
CA PHE A 284 11.35 13.44 5.45
C PHE A 284 11.26 12.76 4.09
N THR A 285 12.30 12.97 3.27
CA THR A 285 12.35 12.40 1.93
C THR A 285 12.88 10.97 1.92
N LEU A 286 12.74 10.31 0.77
CA LEU A 286 13.24 8.94 0.63
C LEU A 286 14.76 8.96 0.75
N GLU A 287 15.38 10.02 0.24
CA GLU A 287 16.82 10.15 0.30
C GLU A 287 17.30 10.24 1.75
N GLU A 288 16.60 11.04 2.55
CA GLU A 288 16.95 11.21 3.96
C GLU A 288 16.77 9.89 4.71
N PHE A 289 15.74 9.15 4.35
CA PHE A 289 15.47 7.86 4.98
C PHE A 289 16.66 6.94 4.76
N ILE A 290 17.11 6.87 3.50
CA ILE A 290 18.25 6.02 3.15
C ILE A 290 19.53 6.45 3.87
N GLN A 291 19.79 7.75 3.91
CA GLN A 291 20.99 8.26 4.56
C GLN A 291 21.03 7.96 6.05
N ALA A 292 19.87 7.98 6.70
CA ALA A 292 19.79 7.71 8.12
C ALA A 292 19.47 6.26 8.47
N PHE A 293 19.20 5.44 7.46
CA PHE A 293 18.83 4.05 7.74
C PHE A 293 19.86 3.21 8.48
N THR A 294 19.38 2.47 9.47
CA THR A 294 20.22 1.58 10.25
C THR A 294 19.30 0.60 10.97
N TRP A 295 19.68 -0.67 11.00
CA TRP A 295 18.86 -1.68 11.65
C TRP A 295 18.71 -1.43 13.14
N GLU A 296 19.64 -0.66 13.69
CA GLU A 296 19.63 -0.34 15.12
C GLU A 296 18.41 0.48 15.52
N ARG A 297 17.77 1.13 14.56
CA ARG A 297 16.60 1.94 14.85
C ARG A 297 15.32 1.31 14.34
N VAL A 298 15.37 0.02 14.02
CA VAL A 298 14.19 -0.68 13.54
C VAL A 298 13.54 -1.40 14.72
N SER A 299 12.36 -0.93 15.09
CA SER A 299 11.63 -1.50 16.22
C SER A 299 11.10 -2.89 15.86
N LEU A 300 10.98 -3.76 16.87
CA LEU A 300 10.48 -5.10 16.65
C LEU A 300 9.03 -5.24 17.09
N GLY A 301 8.54 -4.22 17.80
CA GLY A 301 7.16 -4.24 18.25
C GLY A 301 6.22 -4.08 17.06
N GLY A 302 4.95 -4.38 17.25
CA GLY A 302 3.99 -4.25 16.16
C GLY A 302 3.61 -2.81 15.86
N PRO A 303 3.97 -2.30 14.67
CA PRO A 303 3.67 -0.93 14.23
C PRO A 303 2.20 -0.78 13.86
N VAL A 304 1.53 0.23 14.39
CA VAL A 304 0.12 0.43 14.07
C VAL A 304 -0.05 1.35 12.86
N PHE A 305 -0.68 0.82 11.81
CA PHE A 305 -0.94 1.60 10.61
C PHE A 305 -2.25 2.35 10.86
N ASP A 306 -2.13 3.62 11.20
CA ASP A 306 -3.26 4.48 11.51
C ASP A 306 -3.67 5.36 10.33
N LEU A 307 -4.79 5.01 9.70
CA LEU A 307 -5.30 5.75 8.55
C LEU A 307 -5.45 7.25 8.83
N GLU A 308 -5.89 7.59 10.03
CA GLU A 308 -6.06 8.99 10.41
C GLU A 308 -4.72 9.70 10.44
N LYS A 309 -3.69 9.00 10.88
CA LYS A 309 -2.36 9.58 10.94
C LYS A 309 -1.83 9.75 9.51
N LEU A 310 -2.17 8.81 8.64
CA LEU A 310 -1.73 8.86 7.24
C LEU A 310 -2.39 10.07 6.58
N ARG A 311 -3.67 10.28 6.86
CA ARG A 311 -4.39 11.41 6.29
C ARG A 311 -3.77 12.71 6.78
N TRP A 312 -3.35 12.73 8.04
CA TRP A 312 -2.72 13.91 8.61
C TRP A 312 -1.44 14.25 7.88
N MET A 313 -0.61 13.23 7.64
CA MET A 313 0.65 13.44 6.94
C MET A 313 0.40 13.89 5.51
N ASN A 314 -0.60 13.28 4.88
CA ASN A 314 -0.95 13.61 3.51
C ASN A 314 -1.32 15.09 3.47
N GLY A 315 -2.13 15.51 4.44
CA GLY A 315 -2.55 16.90 4.51
C GLY A 315 -1.37 17.83 4.73
N LYS A 316 -0.40 17.39 5.54
CA LYS A 316 0.77 18.21 5.81
C LYS A 316 1.64 18.36 4.56
N TYR A 317 1.65 17.34 3.72
CA TYR A 317 2.40 17.38 2.48
C TYR A 317 1.70 18.34 1.53
N ILE A 318 0.37 18.24 1.47
CA ILE A 318 -0.40 19.10 0.59
C ILE A 318 -0.25 20.59 0.89
N ARG A 319 -0.15 20.97 2.16
CA ARG A 319 -0.02 22.40 2.47
C ARG A 319 1.32 22.90 2.96
N GLU A 320 2.24 22.00 3.32
CA GLU A 320 3.53 22.44 3.82
C GLU A 320 4.75 21.89 3.07
N VAL A 321 4.56 20.81 2.32
CA VAL A 321 5.67 20.23 1.59
C VAL A 321 5.65 20.60 0.11
N LEU A 322 4.53 20.35 -0.56
CA LEU A 322 4.42 20.67 -1.98
C LEU A 322 4.09 22.14 -2.21
N SER A 323 4.30 22.61 -3.43
CA SER A 323 4.01 24.00 -3.76
C SER A 323 2.56 24.08 -4.20
N LEU A 324 2.02 25.29 -4.25
CA LEU A 324 0.64 25.48 -4.67
C LEU A 324 0.50 24.91 -6.09
N GLU A 325 1.50 25.19 -6.93
CA GLU A 325 1.49 24.71 -8.30
C GLU A 325 1.50 23.19 -8.39
N GLU A 326 2.26 22.54 -7.52
CA GLU A 326 2.31 21.08 -7.52
C GLU A 326 0.96 20.48 -7.16
N VAL A 327 0.31 21.05 -6.14
CA VAL A 327 -1.00 20.57 -5.72
C VAL A 327 -2.04 20.73 -6.82
N ALA A 328 -2.04 21.90 -7.45
CA ALA A 328 -2.97 22.19 -8.53
C ALA A 328 -2.79 21.18 -9.66
N GLU A 329 -1.55 20.83 -9.94
CA GLU A 329 -1.29 19.85 -10.99
C GLU A 329 -1.84 18.50 -10.61
N ARG A 330 -1.62 18.09 -9.36
CA ARG A 330 -2.07 16.78 -8.89
C ARG A 330 -3.58 16.62 -8.73
N VAL A 331 -4.32 17.71 -8.54
CA VAL A 331 -5.76 17.58 -8.39
C VAL A 331 -6.47 17.47 -9.73
N LYS A 332 -5.75 17.76 -10.81
CA LYS A 332 -6.35 17.69 -12.14
C LYS A 332 -6.98 16.34 -12.50
N PRO A 333 -6.24 15.23 -12.33
CA PRO A 333 -6.80 13.92 -12.66
C PRO A 333 -8.11 13.65 -11.92
N PHE A 334 -8.20 14.16 -10.69
CA PHE A 334 -9.38 13.98 -9.87
C PHE A 334 -10.53 14.85 -10.32
N LEU A 335 -10.21 16.05 -10.82
CA LEU A 335 -11.23 16.95 -11.31
C LEU A 335 -11.87 16.32 -12.54
N ARG A 336 -11.03 15.87 -13.47
CA ARG A 336 -11.49 15.25 -14.70
C ARG A 336 -12.33 14.02 -14.41
N GLU A 337 -11.90 13.23 -13.42
CA GLU A 337 -12.61 12.03 -13.03
C GLU A 337 -13.99 12.38 -12.48
N ALA A 338 -14.08 13.55 -11.85
CA ALA A 338 -15.34 14.01 -11.28
C ALA A 338 -16.18 14.73 -12.34
N GLY A 339 -15.65 14.78 -13.56
CA GLY A 339 -16.36 15.44 -14.65
C GLY A 339 -16.34 16.94 -14.52
N LEU A 340 -15.22 17.48 -14.03
CA LEU A 340 -15.09 18.92 -13.85
C LEU A 340 -13.89 19.49 -14.59
N SER A 341 -14.08 20.68 -15.14
CA SER A 341 -13.02 21.37 -15.86
C SER A 341 -12.77 22.70 -15.17
N TRP A 342 -11.72 23.40 -15.56
CA TRP A 342 -11.40 24.69 -14.96
C TRP A 342 -11.14 25.71 -16.06
N GLU A 343 -11.79 26.87 -15.92
CA GLU A 343 -11.69 27.96 -16.89
C GLU A 343 -10.26 28.31 -17.25
N SER A 344 -9.39 28.36 -16.25
CA SER A 344 -7.98 28.70 -16.49
C SER A 344 -7.09 28.19 -15.37
N GLU A 345 -5.79 28.18 -15.62
CA GLU A 345 -4.81 27.73 -14.63
C GLU A 345 -4.83 28.68 -13.44
N ALA A 346 -5.01 29.97 -13.73
CA ALA A 346 -5.05 30.99 -12.69
C ALA A 346 -6.23 30.75 -11.74
N TYR A 347 -7.37 30.39 -12.31
CA TYR A 347 -8.55 30.13 -11.50
C TYR A 347 -8.30 28.90 -10.63
N LEU A 348 -7.95 27.79 -11.27
CA LEU A 348 -7.67 26.54 -10.55
C LEU A 348 -6.71 26.80 -9.39
N ARG A 349 -5.60 27.47 -9.68
CA ARG A 349 -4.61 27.78 -8.65
C ARG A 349 -5.28 28.50 -7.48
N ARG A 350 -6.21 29.40 -7.80
CA ARG A 350 -6.91 30.16 -6.77
C ARG A 350 -7.85 29.25 -5.98
N ALA A 351 -8.54 28.36 -6.68
CA ALA A 351 -9.46 27.43 -6.02
C ALA A 351 -8.70 26.54 -5.05
N VAL A 352 -7.55 26.05 -5.48
CA VAL A 352 -6.72 25.18 -4.65
C VAL A 352 -6.21 25.93 -3.42
N GLU A 353 -5.81 27.17 -3.61
CA GLU A 353 -5.31 28.01 -2.52
C GLU A 353 -6.37 28.20 -1.43
N LEU A 354 -7.62 28.40 -1.85
CA LEU A 354 -8.71 28.60 -0.90
C LEU A 354 -9.11 27.31 -0.19
N MET A 355 -9.01 26.18 -0.89
CA MET A 355 -9.38 24.88 -0.35
C MET A 355 -8.25 24.13 0.37
N ARG A 356 -7.01 24.51 0.06
CA ARG A 356 -5.84 23.85 0.64
C ARG A 356 -5.94 23.51 2.13
N PRO A 357 -6.44 24.44 2.95
CA PRO A 357 -6.53 24.14 4.39
C PRO A 357 -7.71 23.24 4.76
N ARG A 358 -8.52 22.88 3.76
CA ARG A 358 -9.72 22.08 4.02
C ARG A 358 -9.76 20.65 3.50
N PHE A 359 -8.73 20.19 2.80
CA PHE A 359 -8.75 18.81 2.32
C PHE A 359 -7.44 18.08 2.61
N ASP A 360 -7.55 16.82 3.02
CA ASP A 360 -6.37 16.03 3.34
C ASP A 360 -5.98 15.04 2.25
N THR A 361 -6.87 14.82 1.28
CA THR A 361 -6.57 13.93 0.16
C THR A 361 -6.99 14.65 -1.11
N LEU A 362 -6.29 14.35 -2.21
CA LEU A 362 -6.57 14.98 -3.49
C LEU A 362 -8.00 14.75 -3.96
N LYS A 363 -8.58 13.61 -3.60
CA LYS A 363 -9.94 13.28 -4.02
C LYS A 363 -10.99 14.16 -3.35
N GLU A 364 -10.69 14.65 -2.14
CA GLU A 364 -11.63 15.49 -1.41
C GLU A 364 -11.77 16.88 -2.03
N PHE A 365 -10.80 17.30 -2.84
CA PHE A 365 -10.87 18.62 -3.44
C PHE A 365 -12.07 18.77 -4.37
N PRO A 366 -12.22 17.87 -5.37
CA PRO A 366 -13.37 17.99 -6.27
C PRO A 366 -14.70 17.78 -5.55
N GLU A 367 -14.66 16.98 -4.48
CA GLU A 367 -15.86 16.68 -3.70
C GLU A 367 -16.32 17.84 -2.81
N LYS A 368 -15.38 18.56 -2.22
CA LYS A 368 -15.72 19.68 -1.34
C LYS A 368 -15.78 21.02 -2.04
N ALA A 369 -15.22 21.11 -3.25
CA ALA A 369 -15.20 22.36 -3.99
C ALA A 369 -15.91 22.27 -5.34
N ARG A 370 -16.77 21.28 -5.49
CA ARG A 370 -17.48 21.08 -6.76
C ARG A 370 -18.17 22.36 -7.24
N TYR A 371 -18.74 23.12 -6.31
CA TYR A 371 -19.44 24.36 -6.65
C TYR A 371 -18.57 25.43 -7.28
N LEU A 372 -17.26 25.24 -7.27
CA LEU A 372 -16.36 26.22 -7.86
C LEU A 372 -16.07 25.93 -9.33
N PHE A 373 -16.50 24.75 -9.80
CA PHE A 373 -16.24 24.35 -11.18
C PHE A 373 -17.49 23.99 -12.00
N THR A 374 -18.65 24.03 -11.36
CA THR A 374 -19.89 23.70 -12.06
C THR A 374 -21.12 24.23 -11.32
N GLU A 375 -22.20 24.43 -12.08
CA GLU A 375 -23.44 24.92 -11.50
C GLU A 375 -24.22 23.72 -10.98
N ASP A 376 -23.79 22.53 -11.37
CA ASP A 376 -24.47 21.30 -10.96
C ASP A 376 -23.88 20.76 -9.67
N TYR A 377 -23.84 21.58 -8.64
CA TYR A 377 -23.32 21.17 -7.34
C TYR A 377 -24.47 20.74 -6.43
N PRO A 378 -24.21 19.76 -5.55
CA PRO A 378 -25.24 19.26 -4.63
C PRO A 378 -25.51 20.23 -3.48
N VAL A 379 -26.74 20.18 -2.97
CA VAL A 379 -27.13 21.04 -1.86
C VAL A 379 -27.50 20.13 -0.70
N SER A 380 -26.69 20.17 0.36
CA SER A 380 -26.92 19.33 1.52
C SER A 380 -28.27 19.63 2.16
N GLU A 381 -28.79 18.65 2.89
CA GLU A 381 -30.08 18.80 3.57
C GLU A 381 -30.00 19.96 4.54
N LYS A 382 -28.89 20.04 5.28
CA LYS A 382 -28.70 21.10 6.26
C LYS A 382 -28.62 22.47 5.59
N ALA A 383 -27.90 22.55 4.47
CA ALA A 383 -27.75 23.81 3.75
C ALA A 383 -29.10 24.30 3.21
N GLN A 384 -29.92 23.37 2.71
CA GLN A 384 -31.22 23.73 2.17
C GLN A 384 -32.13 24.34 3.23
N ARG A 385 -32.18 23.73 4.41
CA ARG A 385 -33.01 24.26 5.48
C ARG A 385 -32.52 25.63 5.96
N LYS A 386 -31.20 25.81 5.98
CA LYS A 386 -30.63 27.09 6.41
C LYS A 386 -30.96 28.17 5.37
N LEU A 387 -30.92 27.79 4.10
CA LEU A 387 -31.22 28.72 3.03
C LEU A 387 -32.67 29.17 3.14
N GLU A 388 -33.55 28.19 3.37
CA GLU A 388 -34.97 28.47 3.52
C GLU A 388 -35.24 29.41 4.68
N GLU A 389 -34.56 29.18 5.80
CA GLU A 389 -34.71 30.01 6.99
C GLU A 389 -34.33 31.47 6.75
N GLY A 390 -33.27 31.68 5.97
CA GLY A 390 -32.83 33.04 5.71
C GLY A 390 -33.23 33.61 4.37
N LEU A 391 -34.11 32.92 3.66
CA LEU A 391 -34.54 33.39 2.34
C LEU A 391 -35.03 34.84 2.35
N PRO A 392 -35.90 35.21 3.29
CA PRO A 392 -36.38 36.60 3.31
C PRO A 392 -35.25 37.61 3.51
N LEU A 393 -34.23 37.25 4.26
CA LEU A 393 -33.10 38.15 4.47
C LEU A 393 -32.34 38.31 3.16
N LEU A 394 -32.12 37.20 2.49
CA LEU A 394 -31.40 37.21 1.22
C LEU A 394 -32.16 37.97 0.16
N LYS A 395 -33.49 37.83 0.16
CA LYS A 395 -34.30 38.52 -0.84
C LYS A 395 -34.11 40.01 -0.68
N GLU A 396 -34.13 40.49 0.55
CA GLU A 396 -33.95 41.91 0.82
C GLU A 396 -32.49 42.31 0.56
N LEU A 397 -31.59 41.33 0.63
CA LEU A 397 -30.17 41.59 0.41
C LEU A 397 -29.84 41.67 -1.07
N TYR A 398 -30.54 40.88 -1.89
CA TYR A 398 -30.31 40.84 -3.32
C TYR A 398 -30.12 42.23 -3.95
N PRO A 399 -31.07 43.16 -3.72
CA PRO A 399 -30.96 44.51 -4.29
C PRO A 399 -29.63 45.19 -3.99
N ARG A 400 -29.23 45.18 -2.74
CA ARG A 400 -27.97 45.79 -2.31
C ARG A 400 -26.80 45.18 -3.08
N LEU A 401 -26.77 43.85 -3.18
CA LEU A 401 -25.71 43.18 -3.90
C LEU A 401 -25.67 43.55 -5.38
N ARG A 402 -26.83 43.63 -6.01
CA ARG A 402 -26.89 43.98 -7.42
C ARG A 402 -26.35 45.39 -7.68
N ALA A 403 -26.59 46.28 -6.73
CA ALA A 403 -26.14 47.67 -6.84
C ALA A 403 -24.68 47.85 -6.44
N GLN A 404 -24.14 46.87 -5.73
CA GLN A 404 -22.75 46.91 -5.28
C GLN A 404 -21.77 46.98 -6.45
N GLU A 405 -21.01 48.07 -6.53
CA GLU A 405 -20.05 48.24 -7.61
C GLU A 405 -18.69 47.63 -7.23
N GLU A 406 -18.29 47.81 -5.98
CA GLU A 406 -17.03 47.28 -5.49
C GLU A 406 -17.24 45.82 -5.06
N TRP A 407 -16.88 44.90 -5.93
CA TRP A 407 -17.06 43.48 -5.63
C TRP A 407 -15.78 42.82 -5.13
N THR A 408 -15.36 43.20 -3.93
CA THR A 408 -14.17 42.66 -3.31
C THR A 408 -14.54 42.01 -1.98
N GLU A 409 -13.63 41.23 -1.42
CA GLU A 409 -13.92 40.56 -0.15
C GLU A 409 -14.21 41.58 0.94
N ALA A 410 -13.38 42.60 1.05
CA ALA A 410 -13.55 43.63 2.07
C ALA A 410 -14.82 44.45 1.86
N ALA A 411 -15.13 44.76 0.61
CA ALA A 411 -16.32 45.56 0.30
C ALA A 411 -17.60 44.77 0.60
N LEU A 412 -17.64 43.52 0.16
CA LEU A 412 -18.79 42.66 0.39
C LEU A 412 -19.00 42.41 1.87
N GLU A 413 -17.89 42.26 2.60
CA GLU A 413 -17.95 42.02 4.04
C GLU A 413 -18.58 43.22 4.74
N ALA A 414 -18.21 44.41 4.31
CA ALA A 414 -18.74 45.64 4.91
C ALA A 414 -20.23 45.77 4.59
N LEU A 415 -20.61 45.35 3.39
CA LEU A 415 -22.00 45.44 2.96
C LEU A 415 -22.88 44.55 3.84
N LEU A 416 -22.47 43.30 4.05
CA LEU A 416 -23.23 42.38 4.87
C LEU A 416 -23.26 42.83 6.32
N ARG A 417 -22.17 43.45 6.77
CA ARG A 417 -22.07 43.94 8.14
C ARG A 417 -23.13 45.02 8.37
N GLY A 418 -23.18 46.00 7.48
CA GLY A 418 -24.15 47.07 7.60
C GLY A 418 -25.58 46.54 7.52
N PHE A 419 -25.81 45.64 6.57
CA PHE A 419 -27.13 45.06 6.38
C PHE A 419 -27.60 44.31 7.63
N ALA A 420 -26.70 43.55 8.24
CA ALA A 420 -27.02 42.79 9.45
C ALA A 420 -27.43 43.74 10.58
N ALA A 421 -26.70 44.85 10.71
CA ALA A 421 -27.00 45.83 11.75
C ALA A 421 -28.36 46.47 11.47
N GLU A 422 -28.58 46.78 10.20
CA GLU A 422 -29.82 47.40 9.73
C GLU A 422 -31.03 46.52 10.07
N LYS A 423 -30.87 45.21 9.92
CA LYS A 423 -31.94 44.26 10.18
C LYS A 423 -31.99 43.80 11.64
N GLY A 424 -31.00 44.21 12.43
CA GLY A 424 -30.97 43.82 13.82
C GLY A 424 -30.61 42.37 14.08
N VAL A 425 -29.75 41.82 13.22
CA VAL A 425 -29.32 40.44 13.38
C VAL A 425 -27.79 40.38 13.33
N LYS A 426 -27.23 39.26 13.77
CA LYS A 426 -25.79 39.11 13.77
C LYS A 426 -25.35 38.78 12.33
N LEU A 427 -24.12 39.16 12.01
CA LEU A 427 -23.57 38.93 10.66
C LEU A 427 -23.76 37.50 10.17
N GLY A 428 -23.59 36.53 11.06
CA GLY A 428 -23.72 35.13 10.70
C GLY A 428 -25.09 34.72 10.20
N GLN A 429 -26.13 35.37 10.71
CA GLN A 429 -27.51 35.05 10.31
C GLN A 429 -27.74 35.38 8.84
N VAL A 430 -26.92 36.28 8.30
CA VAL A 430 -27.02 36.65 6.91
C VAL A 430 -26.01 35.85 6.09
N ALA A 431 -24.83 35.65 6.65
CA ALA A 431 -23.75 34.93 5.99
C ALA A 431 -24.02 33.45 5.69
N GLN A 432 -24.57 32.74 6.67
CA GLN A 432 -24.85 31.32 6.48
C GLN A 432 -25.80 31.06 5.32
N PRO A 433 -26.94 31.75 5.29
CA PRO A 433 -27.91 31.55 4.21
C PRO A 433 -27.26 31.85 2.86
N LEU A 434 -26.50 32.95 2.82
CA LEU A 434 -25.83 33.35 1.58
C LEU A 434 -24.84 32.28 1.12
N ARG A 435 -24.11 31.70 2.07
CA ARG A 435 -23.13 30.67 1.73
C ARG A 435 -23.86 29.48 1.09
N ALA A 436 -24.99 29.10 1.68
CA ALA A 436 -25.78 27.98 1.18
C ALA A 436 -26.24 28.25 -0.26
N ALA A 437 -26.70 29.46 -0.52
CA ALA A 437 -27.18 29.84 -1.86
C ALA A 437 -26.05 29.81 -2.90
N LEU A 438 -24.86 30.24 -2.50
CA LEU A 438 -23.73 30.31 -3.41
C LEU A 438 -22.90 29.02 -3.57
N THR A 439 -23.01 28.10 -2.63
CA THR A 439 -22.22 26.87 -2.69
C THR A 439 -22.97 25.58 -2.39
N GLY A 440 -24.20 25.68 -1.90
CA GLY A 440 -24.96 24.49 -1.58
C GLY A 440 -24.37 23.81 -0.33
N SER A 441 -23.53 24.55 0.39
CA SER A 441 -22.89 24.03 1.59
C SER A 441 -22.77 25.08 2.69
N LEU A 442 -22.60 24.63 3.93
CA LEU A 442 -22.46 25.55 5.05
C LEU A 442 -21.01 25.49 5.53
N GLU A 443 -20.25 24.60 4.94
CA GLU A 443 -18.85 24.40 5.28
C GLU A 443 -17.97 24.65 4.06
N THR A 444 -17.43 25.87 3.98
CA THR A 444 -16.59 26.25 2.86
C THR A 444 -15.54 27.23 3.37
N PRO A 445 -14.65 27.69 2.48
CA PRO A 445 -13.64 28.64 2.96
C PRO A 445 -14.30 30.01 3.08
N GLY A 446 -13.49 31.05 3.29
CA GLY A 446 -14.02 32.39 3.45
C GLY A 446 -15.20 32.74 2.55
N LEU A 447 -16.35 32.98 3.15
CA LEU A 447 -17.54 33.33 2.39
C LEU A 447 -17.28 34.50 1.45
N PHE A 448 -16.65 35.54 1.96
CA PHE A 448 -16.36 36.72 1.17
C PHE A 448 -15.35 36.45 0.06
N GLU A 449 -14.42 35.54 0.33
CA GLU A 449 -13.42 35.18 -0.68
C GLU A 449 -14.11 34.41 -1.80
N ILE A 450 -15.07 33.58 -1.43
CA ILE A 450 -15.83 32.78 -2.39
C ILE A 450 -16.82 33.67 -3.12
N LEU A 451 -17.35 34.67 -2.41
CA LEU A 451 -18.33 35.58 -2.98
C LEU A 451 -17.75 36.38 -4.15
N ALA A 452 -16.49 36.78 -4.02
CA ALA A 452 -15.84 37.57 -5.07
C ALA A 452 -15.09 36.75 -6.11
N LEU A 453 -14.68 35.54 -5.74
CA LEU A 453 -13.94 34.68 -6.66
C LEU A 453 -14.66 34.44 -7.99
N LEU A 454 -15.95 34.17 -7.92
CA LEU A 454 -16.74 33.90 -9.12
C LEU A 454 -17.11 35.14 -9.91
N GLY A 455 -16.95 36.32 -9.32
CA GLY A 455 -17.31 37.54 -10.00
C GLY A 455 -18.72 37.92 -9.64
N LYS A 456 -19.08 39.19 -9.83
CA LYS A 456 -20.41 39.68 -9.50
C LYS A 456 -21.55 38.98 -10.23
N GLU A 457 -21.54 39.05 -11.56
CA GLU A 457 -22.61 38.44 -12.35
C GLU A 457 -22.91 36.99 -12.05
N ARG A 458 -21.87 36.15 -12.02
CA ARG A 458 -22.08 34.74 -11.74
C ARG A 458 -22.60 34.51 -10.32
N ALA A 459 -22.19 35.37 -9.40
CA ALA A 459 -22.64 35.24 -8.02
C ALA A 459 -24.13 35.57 -7.95
N LEU A 460 -24.52 36.67 -8.59
CA LEU A 460 -25.92 37.08 -8.60
C LEU A 460 -26.78 36.00 -9.24
N ARG A 461 -26.23 35.34 -10.26
CA ARG A 461 -26.95 34.28 -10.96
C ARG A 461 -27.39 33.19 -9.99
N ARG A 462 -26.51 32.79 -9.08
CA ARG A 462 -26.84 31.75 -8.13
C ARG A 462 -27.82 32.22 -7.07
N LEU A 463 -27.70 33.48 -6.66
CA LEU A 463 -28.61 34.00 -5.66
C LEU A 463 -30.00 34.01 -6.28
N GLU A 464 -30.07 34.42 -7.55
CA GLU A 464 -31.33 34.48 -8.27
C GLU A 464 -32.00 33.11 -8.32
N ARG A 465 -31.21 32.07 -8.60
CA ARG A 465 -31.74 30.72 -8.68
C ARG A 465 -32.29 30.24 -7.33
N ALA A 466 -31.65 30.64 -6.24
CA ALA A 466 -32.10 30.24 -4.91
C ALA A 466 -33.36 31.02 -4.51
N LEU A 467 -33.59 32.15 -5.16
CA LEU A 467 -34.75 32.99 -4.88
C LEU A 467 -35.90 32.74 -5.87
N ALA A 468 -35.61 31.99 -6.92
CA ALA A 468 -36.60 31.66 -7.95
C ALA A 468 -37.69 30.70 -7.46
MG MG B . -1.40 -13.33 4.06
N GLU C . 6.06 -14.74 -2.14
CA GLU C . 6.22 -14.62 -0.70
C GLU C . 5.27 -13.52 -0.17
O GLU C . 4.12 -13.50 -0.65
CB GLU C . 7.67 -14.28 -0.38
CG GLU C . 8.04 -14.37 1.10
CD GLU C . 9.52 -14.14 1.34
OE1 GLU C . 10.29 -15.13 1.40
OE2 GLU C . 9.92 -12.96 1.46
OXT GLU C . 5.75 -12.57 0.49
PG ATP D . -4.66 -12.81 4.17
O1G ATP D . -3.42 -13.62 4.46
O2G ATP D . -5.28 -12.34 5.48
O3G ATP D . -5.66 -13.66 3.41
PB ATP D . -2.95 -10.62 3.52
O1B ATP D . -1.99 -11.38 4.35
O2B ATP D . -3.41 -9.27 3.96
O3B ATP D . -4.30 -11.50 3.26
PA ATP D . -1.43 -11.57 1.31
O1A ATP D . -1.54 -12.81 2.12
O2A ATP D . -1.85 -11.58 -0.12
O3A ATP D . -2.32 -10.42 2.04
O5' ATP D . 0.07 -11.03 1.41
C5' ATP D . 0.59 -10.10 0.46
C4' ATP D . 1.96 -9.63 0.88
O4' ATP D . 1.84 -8.66 1.96
C3' ATP D . 2.92 -10.70 1.38
O3' ATP D . 4.26 -10.36 1.01
C2' ATP D . 2.72 -10.63 2.89
O2' ATP D . 3.82 -11.12 3.65
C1' ATP D . 2.53 -9.14 3.10
N9 ATP D . 1.72 -8.81 4.28
C8 ATP D . 0.46 -9.23 4.57
N7 ATP D . -0.03 -8.74 5.69
C5 ATP D . 1.00 -7.94 6.16
C6 ATP D . 1.11 -7.14 7.32
N6 ATP D . 0.15 -7.01 8.23
N1 ATP D . 2.27 -6.46 7.50
C2 ATP D . 3.24 -6.61 6.59
N3 ATP D . 3.26 -7.33 5.47
C4 ATP D . 2.09 -7.98 5.31
#